data_4UCP
#
_entry.id   4UCP
#
_cell.length_a   48.501
_cell.length_b   90.889
_cell.length_c   53.509
_cell.angle_alpha   90.00
_cell.angle_beta   114.01
_cell.angle_gamma   90.00
#
_symmetry.space_group_name_H-M   'P 1 21 1'
#
loop_
_entity.id
_entity.type
_entity.pdbx_description
1 polymer 'GLYCYLPEPTIDE N-TETRADECANOYLTRANSFERASE'
2 non-polymer N-methyl-1-[3-(morpholin-4-ylmethyl)phenyl]methanamine
3 non-polymer TETRADECANOYL-COA
4 water water
#
_entity_poly.entity_id   1
_entity_poly.type   'polypeptide(L)'
_entity_poly.pdbx_seq_one_letter_code
;MGSSHHHHHHSSGRENLYFQGPSNSDAAHAFWSTQPVPQTEDETEKIVFAGPMDEPKTVADIPEEPYPIASTFEWWTPNM
EAADDIHAIYELLRDNYVEDDDSMFRFNYSEEFLQWALCPPNYIPDWHVAVRRKADKKLLAFIAGVPVTLRMGTPKYMKV
KAQEKGEGEEAAKYDEPRHICEINFLCVHKQLREKRLAPILIKEATRRVNRTNVWQAVYTAGVLLPTPYASGQYFHRSLN
PEKLVEIRFSGIPAQYQKFQNPMAMLKRNYQLPSAPKNSGLREMKPSDVPQVRRILMNYLDSFDVGPVFSDAEISHYLLP
RDGVVFTYVVENDKKVTDFFSFYRIPSTVIGNSNYNLLNAAYVHYYAATSIPLHQLILDLLIVAHSRGFDVCNMVEILDN
RSFVEQLKFGAGDGHLRYYFYNWAYPKIKPSQVALVML
;
_entity_poly.pdbx_strand_id   A
#
loop_
_chem_comp.id
_chem_comp.type
_chem_comp.name
_chem_comp.formula
9X3 non-polymer N-methyl-1-[3-(morpholin-4-ylmethyl)phenyl]methanamine 'C13 H20 N2 O'
MYA non-polymer TETRADECANOYL-COA 'C35 H62 N7 O17 P3 S'
#
# COMPACT_ATOMS: atom_id res chain seq x y z
N ALA A 28 -8.36 23.97 9.53
CA ALA A 28 -9.01 24.44 8.27
C ALA A 28 -8.33 23.84 7.04
N HIS A 29 -9.16 23.44 6.09
CA HIS A 29 -8.70 22.75 4.91
C HIS A 29 -9.35 23.40 3.70
N ALA A 30 -8.69 24.38 3.09
CA ALA A 30 -9.27 25.11 1.95
C ALA A 30 -9.65 24.21 0.79
N PHE A 31 -8.90 23.11 0.61
CA PHE A 31 -9.22 22.17 -0.44
C PHE A 31 -10.12 21.04 0.06
N TRP A 32 -9.69 20.33 1.10
CA TRP A 32 -10.43 19.14 1.52
C TRP A 32 -11.84 19.45 2.01
N SER A 33 -12.08 20.67 2.52
CA SER A 33 -13.46 21.07 2.90
C SER A 33 -14.44 21.13 1.73
N THR A 34 -13.91 21.14 0.51
CA THR A 34 -14.73 21.19 -0.70
C THR A 34 -14.97 19.81 -1.32
N GLN A 35 -14.45 18.77 -0.67
CA GLN A 35 -14.43 17.44 -1.30
C GLN A 35 -15.42 16.52 -0.59
N PRO A 36 -15.90 15.49 -1.33
CA PRO A 36 -16.90 14.54 -0.82
C PRO A 36 -16.23 13.47 0.05
N VAL A 37 -15.75 13.94 1.20
CA VAL A 37 -15.21 13.09 2.26
C VAL A 37 -15.81 13.54 3.61
N PRO A 38 -15.93 12.62 4.58
CA PRO A 38 -16.34 13.08 5.90
C PRO A 38 -15.32 14.07 6.45
N GLN A 39 -15.79 15.11 7.14
CA GLN A 39 -14.94 16.24 7.44
C GLN A 39 -14.25 16.14 8.80
N THR A 40 -14.83 15.38 9.71
CA THR A 40 -14.28 15.23 11.05
C THR A 40 -14.47 13.82 11.56
N GLU A 41 -13.72 13.48 12.60
CA GLU A 41 -13.89 12.21 13.30
C GLU A 41 -15.30 12.06 13.84
N ASP A 42 -15.87 13.16 14.32
CA ASP A 42 -17.24 13.17 14.84
C ASP A 42 -18.24 12.74 13.78
N GLU A 43 -18.11 13.30 12.59
CA GLU A 43 -18.90 12.89 11.45
C GLU A 43 -18.73 11.38 11.16
N THR A 44 -17.49 10.91 11.08
CA THR A 44 -17.23 9.48 10.79
C THR A 44 -17.79 8.54 11.87
N GLU A 45 -17.79 9.00 13.10
CA GLU A 45 -18.34 8.24 14.22
C GLU A 45 -19.83 7.95 14.04
N LYS A 46 -20.53 8.80 13.32
CA LYS A 46 -21.97 8.77 13.09
C LYS A 46 -22.40 7.96 11.85
N ILE A 47 -21.45 7.58 11.02
CA ILE A 47 -21.74 6.82 9.80
C ILE A 47 -22.09 5.37 10.11
N VAL A 48 -23.23 4.91 9.58
CA VAL A 48 -23.74 3.57 9.89
C VAL A 48 -23.88 2.66 8.65
N PHE A 49 -23.89 3.26 7.46
CA PHE A 49 -23.98 2.48 6.23
C PHE A 49 -22.90 2.90 5.25
N ALA A 50 -22.36 1.94 4.52
CA ALA A 50 -21.54 2.29 3.37
C ALA A 50 -22.41 2.94 2.27
N GLY A 51 -21.86 3.97 1.63
CA GLY A 51 -22.49 4.54 0.44
C GLY A 51 -21.83 5.83 -0.02
N PRO A 52 -22.25 6.35 -1.18
CA PRO A 52 -21.57 7.55 -1.73
C PRO A 52 -21.87 8.80 -0.90
N MET A 53 -21.01 9.81 -1.02
CA MET A 53 -21.21 11.10 -0.34
C MET A 53 -21.81 12.16 -1.26
N ASP A 54 -21.33 12.20 -2.51
CA ASP A 54 -21.60 13.28 -3.48
C ASP A 54 -22.95 13.12 -4.16
N GLU A 55 -23.43 14.19 -4.80
CA GLU A 55 -24.59 14.09 -5.71
C GLU A 55 -24.30 13.05 -6.80
N PRO A 56 -25.32 12.28 -7.23
CA PRO A 56 -25.10 11.41 -8.37
C PRO A 56 -24.79 12.24 -9.62
N LYS A 57 -23.78 11.80 -10.38
CA LYS A 57 -23.35 12.49 -11.60
C LYS A 57 -23.16 11.46 -12.69
N THR A 58 -23.16 11.91 -13.93
CA THR A 58 -22.80 11.03 -15.04
C THR A 58 -21.58 11.54 -15.75
N VAL A 59 -21.00 10.71 -16.60
CA VAL A 59 -19.81 11.05 -17.36
C VAL A 59 -20.03 12.36 -18.14
N ALA A 60 -21.21 12.53 -18.71
CA ALA A 60 -21.52 13.70 -19.55
C ALA A 60 -21.47 14.99 -18.72
N ASP A 61 -21.63 14.88 -17.40
CA ASP A 61 -21.62 16.08 -16.57
C ASP A 61 -20.21 16.59 -16.32
N ILE A 62 -19.21 15.74 -16.55
CA ILE A 62 -17.81 16.00 -16.18
C ILE A 62 -17.09 16.75 -17.32
N PRO A 63 -16.36 17.84 -17.00
CA PRO A 63 -15.66 18.57 -18.04
C PRO A 63 -14.82 17.67 -18.92
N GLU A 64 -14.92 17.85 -20.24
CA GLU A 64 -14.11 17.10 -21.18
C GLU A 64 -12.67 17.61 -21.25
N GLU A 65 -12.47 18.87 -20.87
CA GLU A 65 -11.16 19.51 -20.95
C GLU A 65 -10.38 19.40 -19.65
N PRO A 66 -9.05 19.15 -19.73
CA PRO A 66 -8.21 19.20 -18.52
C PRO A 66 -8.41 20.47 -17.71
N TYR A 67 -8.22 20.32 -16.40
CA TYR A 67 -8.37 21.41 -15.46
C TYR A 67 -7.34 22.49 -15.83
N PRO A 68 -7.73 23.76 -15.73
CA PRO A 68 -6.78 24.83 -16.08
C PRO A 68 -5.53 24.82 -15.19
N ILE A 69 -4.39 25.12 -15.80
CA ILE A 69 -3.12 25.26 -15.05
C ILE A 69 -2.34 26.40 -15.69
N ALA A 70 -1.44 26.99 -14.89
CA ALA A 70 -0.65 28.14 -15.34
C ALA A 70 0.06 27.86 -16.65
N SER A 71 0.23 28.91 -17.46
CA SER A 71 0.68 28.81 -18.85
C SER A 71 2.10 28.24 -18.97
N THR A 72 2.88 28.33 -17.89
CA THR A 72 4.25 27.82 -17.89
C THR A 72 4.26 26.31 -17.68
N PHE A 73 3.10 25.73 -17.36
CA PHE A 73 2.98 24.29 -17.07
C PHE A 73 2.13 23.60 -18.14
N GLU A 74 2.30 22.28 -18.27
CA GLU A 74 1.46 21.46 -19.15
C GLU A 74 1.16 20.14 -18.46
N TRP A 75 -0.02 19.59 -18.70
CA TRP A 75 -0.35 18.21 -18.35
C TRP A 75 0.37 17.25 -19.29
N TRP A 76 0.81 16.14 -18.71
CA TRP A 76 1.48 15.09 -19.46
C TRP A 76 0.98 13.75 -18.97
N THR A 77 0.61 12.87 -19.90
CA THR A 77 0.27 11.50 -19.55
C THR A 77 1.46 10.62 -19.91
N PRO A 78 2.27 10.21 -18.90
CA PRO A 78 3.39 9.36 -19.30
C PRO A 78 2.91 8.01 -19.85
N ASN A 79 3.75 7.42 -20.71
CA ASN A 79 3.56 6.02 -21.13
C ASN A 79 4.38 5.14 -20.18
N MET A 80 3.72 4.46 -19.23
CA MET A 80 4.45 3.76 -18.15
C MET A 80 4.99 2.36 -18.49
N GLU A 81 4.93 2.07 -19.78
CA GLU A 81 5.67 1.08 -20.57
C GLU A 81 6.66 1.64 -21.67
N ALA A 82 6.94 2.92 -21.62
CA ALA A 82 8.12 3.48 -22.21
C ALA A 82 9.20 3.60 -21.11
N ALA A 83 10.32 2.88 -21.26
CA ALA A 83 11.42 2.95 -20.30
C ALA A 83 11.79 4.36 -19.88
N ASP A 84 11.82 5.29 -20.82
CA ASP A 84 12.30 6.61 -20.54
C ASP A 84 11.26 7.45 -19.73
N ASP A 85 9.97 7.21 -19.94
CA ASP A 85 8.93 7.85 -19.16
C ASP A 85 8.94 7.31 -17.73
N ILE A 86 9.06 6.00 -17.59
CA ILE A 86 9.20 5.40 -16.25
C ILE A 86 10.40 6.01 -15.55
N HIS A 87 11.50 6.18 -16.27
CA HIS A 87 12.71 6.75 -15.65
C HIS A 87 12.46 8.17 -15.15
N ALA A 88 11.75 8.97 -15.94
CA ALA A 88 11.40 10.32 -15.49
C ALA A 88 10.63 10.33 -14.17
N ILE A 89 9.59 9.50 -14.08
CA ILE A 89 8.80 9.35 -12.85
C ILE A 89 9.69 8.83 -11.70
N TYR A 90 10.51 7.81 -12.02
CA TYR A 90 11.48 7.27 -11.06
C TYR A 90 12.36 8.37 -10.44
N GLU A 91 12.90 9.26 -11.27
CA GLU A 91 13.76 10.33 -10.74
C GLU A 91 12.99 11.30 -9.85
N LEU A 92 11.78 11.68 -10.27
CA LEU A 92 10.97 12.59 -9.44
C LEU A 92 10.76 11.99 -8.07
N LEU A 93 10.35 10.74 -8.04
CA LEU A 93 10.05 10.11 -6.74
C LEU A 93 11.32 9.89 -5.93
N ARG A 94 12.42 9.48 -6.59
CA ARG A 94 13.66 9.24 -5.87
C ARG A 94 14.06 10.51 -5.12
N ASP A 95 13.90 11.66 -5.77
CA ASP A 95 14.39 12.91 -5.19
C ASP A 95 13.37 13.68 -4.35
N ASN A 96 12.08 13.35 -4.47
CA ASN A 96 11.02 14.22 -3.90
C ASN A 96 9.90 13.47 -3.21
N TYR A 97 9.96 12.16 -3.12
CA TYR A 97 8.84 11.41 -2.51
C TYR A 97 8.97 11.31 -0.98
N VAL A 98 8.27 10.35 -0.38
CA VAL A 98 8.06 10.36 1.07
C VAL A 98 9.37 10.10 1.84
N GLU A 99 9.57 10.93 2.85
CA GLU A 99 10.67 10.76 3.81
C GLU A 99 10.10 10.38 5.15
N ASP A 100 10.93 9.80 6.03
CA ASP A 100 10.52 9.65 7.44
C ASP A 100 10.49 11.05 8.05
N ASP A 101 10.01 11.14 9.28
CA ASP A 101 9.83 12.46 9.91
C ASP A 101 11.15 13.20 10.20
N ASP A 102 12.26 12.45 10.29
CA ASP A 102 13.55 13.07 10.57
C ASP A 102 14.40 13.20 9.32
N SER A 103 13.80 12.91 8.16
CA SER A 103 14.49 13.07 6.88
C SER A 103 15.85 12.34 6.89
N MET A 104 15.79 11.09 7.28
CA MET A 104 16.93 10.19 7.28
C MET A 104 16.80 9.21 6.12
N PHE A 105 15.56 8.91 5.71
CA PHE A 105 15.30 7.93 4.66
C PHE A 105 14.26 8.46 3.70
N ARG A 106 14.42 8.16 2.40
CA ARG A 106 13.43 8.58 1.41
C ARG A 106 13.17 7.38 0.52
N PHE A 107 11.91 7.09 0.24
CA PHE A 107 11.60 5.94 -0.60
C PHE A 107 12.33 6.06 -1.93
N ASN A 108 12.78 4.92 -2.45
CA ASN A 108 13.47 4.83 -3.75
C ASN A 108 12.89 3.66 -4.55
N TYR A 109 11.60 3.74 -4.83
CA TYR A 109 10.93 2.72 -5.63
C TYR A 109 11.68 2.59 -6.96
N SER A 110 11.91 1.34 -7.40
CA SER A 110 12.70 1.12 -8.62
C SER A 110 11.84 1.30 -9.86
N GLU A 111 12.50 1.48 -11.01
CA GLU A 111 11.80 1.58 -12.28
C GLU A 111 10.95 0.33 -12.53
N GLU A 112 11.50 -0.85 -12.22
CA GLU A 112 10.76 -2.10 -12.45
C GLU A 112 9.56 -2.18 -11.50
N PHE A 113 9.74 -1.68 -10.28
CA PHE A 113 8.63 -1.66 -9.34
C PHE A 113 7.53 -0.74 -9.84
N LEU A 114 7.92 0.43 -10.37
CA LEU A 114 6.91 1.37 -10.84
C LEU A 114 6.14 0.80 -12.03
N GLN A 115 6.83 0.12 -12.95
CA GLN A 115 6.11 -0.49 -14.07
C GLN A 115 5.09 -1.50 -13.56
N TRP A 116 5.51 -2.30 -12.57
CA TRP A 116 4.62 -3.31 -11.96
C TRP A 116 3.42 -2.67 -11.28
N ALA A 117 3.67 -1.66 -10.45
CA ALA A 117 2.63 -1.05 -9.64
C ALA A 117 1.62 -0.25 -10.50
N LEU A 118 2.11 0.37 -11.57
CA LEU A 118 1.31 1.29 -12.36
C LEU A 118 0.55 0.62 -13.51
N CYS A 119 0.96 -0.60 -13.86
CA CYS A 119 0.37 -1.26 -15.08
C CYS A 119 -0.25 -2.63 -14.81
N PRO A 120 -1.16 -2.71 -13.83
CA PRO A 120 -1.86 -4.00 -13.61
C PRO A 120 -2.85 -4.27 -14.74
N PRO A 121 -3.42 -5.48 -14.78
CA PRO A 121 -4.37 -5.80 -15.84
C PRO A 121 -5.49 -4.76 -15.98
N ASN A 122 -5.76 -4.38 -17.23
CA ASN A 122 -6.79 -3.39 -17.55
C ASN A 122 -6.57 -2.00 -16.96
N TYR A 123 -5.31 -1.65 -16.64
CA TYR A 123 -5.03 -0.30 -16.22
C TYR A 123 -5.41 0.70 -17.31
N ILE A 124 -5.68 1.93 -16.88
CA ILE A 124 -6.15 2.99 -17.76
C ILE A 124 -5.00 3.99 -17.86
N PRO A 125 -4.35 4.08 -19.03
CA PRO A 125 -3.19 4.99 -19.09
C PRO A 125 -3.50 6.44 -18.68
N ASP A 126 -4.69 6.92 -19.02
CA ASP A 126 -5.10 8.31 -18.71
C ASP A 126 -5.19 8.60 -17.21
N TRP A 127 -5.19 7.57 -16.37
CA TRP A 127 -5.23 7.81 -14.91
C TRP A 127 -3.86 8.13 -14.34
N HIS A 128 -2.81 8.05 -15.14
CA HIS A 128 -1.47 8.46 -14.69
C HIS A 128 -1.25 9.90 -15.14
N VAL A 129 -1.17 10.81 -14.17
CA VAL A 129 -1.26 12.24 -14.44
C VAL A 129 0.02 12.93 -13.98
N ALA A 130 0.68 13.64 -14.89
CA ALA A 130 1.89 14.41 -14.57
C ALA A 130 1.75 15.86 -14.95
N VAL A 131 2.51 16.70 -14.24
CA VAL A 131 2.73 18.09 -14.64
C VAL A 131 4.19 18.29 -15.01
N ARG A 132 4.41 18.89 -16.18
CA ARG A 132 5.74 19.25 -16.63
C ARG A 132 5.85 20.76 -16.85
N ARG A 133 7.06 21.28 -16.72
CA ARG A 133 7.32 22.63 -17.14
C ARG A 133 7.34 22.61 -18.66
N LYS A 134 6.54 23.48 -19.27
CA LYS A 134 6.32 23.46 -20.72
C LYS A 134 7.60 23.75 -21.49
N ALA A 135 8.39 24.71 -21.00
CA ALA A 135 9.62 25.13 -21.69
C ALA A 135 10.62 23.98 -21.92
N ASP A 136 10.91 23.21 -20.87
CA ASP A 136 11.98 22.19 -20.91
C ASP A 136 11.53 20.76 -20.59
N LYS A 137 10.22 20.59 -20.39
CA LYS A 137 9.61 19.30 -20.07
C LYS A 137 10.14 18.64 -18.80
N LYS A 138 10.68 19.45 -17.89
CA LYS A 138 11.03 18.97 -16.54
C LYS A 138 9.77 18.51 -15.81
N LEU A 139 9.81 17.28 -15.28
CA LEU A 139 8.70 16.74 -14.52
C LEU A 139 8.63 17.39 -13.15
N LEU A 140 7.46 17.95 -12.82
CA LEU A 140 7.28 18.73 -11.60
C LEU A 140 6.38 18.06 -10.58
N ALA A 141 5.47 17.21 -11.05
CA ALA A 141 4.48 16.60 -10.17
C ALA A 141 3.86 15.39 -10.83
N PHE A 142 3.33 14.49 -10.00
CA PHE A 142 2.74 13.23 -10.46
C PHE A 142 1.66 12.74 -9.49
N ILE A 143 0.66 12.05 -10.02
CA ILE A 143 -0.28 11.27 -9.24
C ILE A 143 -0.69 10.09 -10.10
N ALA A 144 -0.84 8.90 -9.50
CA ALA A 144 -1.25 7.74 -10.28
C ALA A 144 -2.52 7.11 -9.74
N GLY A 145 -3.36 6.64 -10.66
CA GLY A 145 -4.50 5.83 -10.28
C GLY A 145 -4.46 4.53 -11.05
N VAL A 146 -4.86 3.45 -10.41
CA VAL A 146 -5.04 2.17 -11.07
C VAL A 146 -6.38 1.58 -10.67
N PRO A 147 -6.96 0.75 -11.54
CA PRO A 147 -8.22 0.11 -11.18
C PRO A 147 -8.01 -0.96 -10.09
N VAL A 148 -8.99 -1.08 -9.20
CA VAL A 148 -9.07 -2.19 -8.27
C VAL A 148 -10.54 -2.53 -8.05
N THR A 149 -10.82 -3.80 -7.88
CA THR A 149 -12.18 -4.26 -7.53
C THR A 149 -12.18 -4.46 -6.02
N LEU A 150 -12.98 -3.67 -5.30
CA LEU A 150 -12.89 -3.64 -3.86
C LEU A 150 -14.24 -3.95 -3.22
N ARG A 151 -14.26 -4.87 -2.26
CA ARG A 151 -15.43 -5.03 -1.38
C ARG A 151 -15.36 -3.92 -0.37
N MET A 152 -16.41 -3.10 -0.33
CA MET A 152 -16.45 -1.92 0.52
C MET A 152 -17.86 -1.66 1.01
N GLY A 153 -18.63 -2.75 1.15
CA GLY A 153 -19.97 -2.66 1.77
C GLY A 153 -19.91 -2.50 3.29
N THR A 154 -21.06 -2.20 3.88
CA THR A 154 -21.14 -1.97 5.32
C THR A 154 -20.45 -3.07 6.12
N PRO A 155 -19.62 -2.68 7.11
CA PRO A 155 -18.88 -3.68 7.86
C PRO A 155 -19.75 -4.55 8.75
N LYS A 156 -19.22 -5.71 9.12
CA LYS A 156 -19.96 -6.70 9.90
C LYS A 156 -20.63 -6.14 11.16
N TYR A 157 -19.88 -5.35 11.93
CA TYR A 157 -20.42 -4.90 13.21
C TYR A 157 -21.60 -3.95 12.99
N MET A 158 -21.54 -3.19 11.89
CA MET A 158 -22.66 -2.30 11.59
C MET A 158 -23.85 -3.01 10.96
N LYS A 159 -23.60 -4.10 10.25
CA LYS A 159 -24.70 -4.91 9.72
C LYS A 159 -25.51 -5.55 10.86
N VAL A 160 -24.84 -5.86 11.96
CA VAL A 160 -25.54 -6.38 13.14
C VAL A 160 -26.51 -5.33 13.67
N LYS A 161 -26.05 -4.09 13.81
CA LYS A 161 -26.91 -3.02 14.30
C LYS A 161 -28.09 -2.82 13.34
N ALA A 162 -27.81 -2.87 12.03
CA ALA A 162 -28.85 -2.68 11.00
C ALA A 162 -29.94 -3.72 11.12
N GLN A 163 -29.54 -4.98 11.36
CA GLN A 163 -30.48 -6.07 11.64
C GLN A 163 -31.39 -5.78 12.84
N GLU A 164 -30.79 -5.35 13.93
CA GLU A 164 -31.53 -5.00 15.15
C GLU A 164 -32.61 -3.99 14.82
N LYS A 165 -32.25 -3.02 13.96
CA LYS A 165 -33.10 -1.87 13.66
C LYS A 165 -34.02 -2.01 12.44
N GLY A 166 -33.99 -3.17 11.79
CA GLY A 166 -34.86 -3.42 10.62
C GLY A 166 -34.39 -2.67 9.36
N GLU A 167 -33.11 -2.38 9.32
CA GLU A 167 -32.49 -1.58 8.25
C GLU A 167 -31.46 -2.38 7.43
N GLY A 168 -31.68 -3.68 7.32
CA GLY A 168 -30.70 -4.53 6.64
C GLY A 168 -30.58 -4.29 5.14
N GLU A 169 -31.69 -3.94 4.47
CA GLU A 169 -31.63 -3.65 3.04
C GLU A 169 -30.72 -2.47 2.75
N GLU A 170 -30.89 -1.39 3.50
CA GLU A 170 -30.07 -0.21 3.34
C GLU A 170 -28.59 -0.55 3.64
N ALA A 171 -28.36 -1.35 4.66
CA ALA A 171 -26.99 -1.70 5.01
C ALA A 171 -26.31 -2.62 3.99
N ALA A 172 -27.11 -3.33 3.20
CA ALA A 172 -26.57 -4.28 2.23
C ALA A 172 -26.51 -3.70 0.83
N LYS A 173 -27.00 -2.47 0.67
CA LYS A 173 -27.22 -1.90 -0.67
C LYS A 173 -25.95 -1.90 -1.52
N TYR A 174 -24.80 -1.60 -0.90
CA TYR A 174 -23.56 -1.48 -1.64
C TYR A 174 -22.56 -2.61 -1.37
N ASP A 175 -23.10 -3.82 -1.20
CA ASP A 175 -22.29 -4.99 -0.87
C ASP A 175 -21.52 -5.53 -2.07
N GLU A 176 -22.04 -5.34 -3.28
CA GLU A 176 -21.34 -5.90 -4.44
C GLU A 176 -19.96 -5.22 -4.60
N PRO A 177 -18.93 -6.02 -4.90
CA PRO A 177 -17.58 -5.45 -5.12
C PRO A 177 -17.64 -4.37 -6.20
N ARG A 178 -16.89 -3.30 -5.97
CA ARG A 178 -17.01 -2.10 -6.81
C ARG A 178 -15.71 -1.89 -7.58
N HIS A 179 -15.84 -1.48 -8.83
CA HIS A 179 -14.68 -1.20 -9.65
C HIS A 179 -14.32 0.26 -9.41
N ILE A 180 -13.26 0.47 -8.63
CA ILE A 180 -12.89 1.81 -8.19
C ILE A 180 -11.44 2.16 -8.59
N CYS A 181 -10.98 3.31 -8.11
CA CYS A 181 -9.62 3.78 -8.38
C CYS A 181 -8.79 3.68 -7.11
N GLU A 182 -7.58 3.16 -7.23
CA GLU A 182 -6.62 3.21 -6.12
C GLU A 182 -5.58 4.27 -6.49
N ILE A 183 -5.45 5.29 -5.65
CA ILE A 183 -4.53 6.41 -5.88
C ILE A 183 -3.23 6.18 -5.12
N ASN A 184 -2.10 6.47 -5.77
CA ASN A 184 -0.78 6.35 -5.09
C ASN A 184 0.21 7.28 -5.80
N PHE A 185 1.38 7.46 -5.17
CA PHE A 185 2.51 8.17 -5.76
C PHE A 185 2.26 9.65 -6.01
N LEU A 186 1.38 10.28 -5.23
CA LEU A 186 1.22 11.72 -5.35
C LEU A 186 2.52 12.40 -4.93
N CYS A 187 3.05 13.29 -5.77
CA CYS A 187 4.36 13.88 -5.48
C CYS A 187 4.49 15.23 -6.14
N VAL A 188 4.89 16.22 -5.37
CA VAL A 188 5.20 17.55 -5.92
C VAL A 188 6.68 17.78 -5.68
N HIS A 189 7.40 18.20 -6.72
CA HIS A 189 8.79 18.57 -6.58
C HIS A 189 9.03 19.49 -5.39
N LYS A 190 10.12 19.24 -4.67
CA LYS A 190 10.49 20.07 -3.51
C LYS A 190 10.49 21.57 -3.76
N GLN A 191 10.87 22.00 -4.96
CA GLN A 191 10.93 23.43 -5.25
C GLN A 191 9.56 24.06 -5.49
N LEU A 192 8.54 23.22 -5.62
CA LEU A 192 7.20 23.70 -5.91
C LEU A 192 6.23 23.46 -4.74
N ARG A 193 6.77 23.14 -3.57
CA ARG A 193 5.92 22.85 -2.41
C ARG A 193 5.16 24.08 -1.90
N GLU A 194 3.97 23.82 -1.36
CA GLU A 194 3.13 24.83 -0.71
C GLU A 194 2.62 25.90 -1.67
N LYS A 195 2.46 25.52 -2.94
CA LYS A 195 1.98 26.41 -3.99
C LYS A 195 0.61 25.96 -4.49
N ARG A 196 -0.03 25.07 -3.74
CA ARG A 196 -1.38 24.56 -4.06
C ARG A 196 -1.44 23.77 -5.34
N LEU A 197 -0.34 23.12 -5.72
CA LEU A 197 -0.34 22.21 -6.86
C LEU A 197 -1.01 20.87 -6.57
N ALA A 198 -0.87 20.38 -5.34
CA ALA A 198 -1.48 19.08 -5.01
C ALA A 198 -3.00 19.06 -5.27
N PRO A 199 -3.76 20.07 -4.79
CA PRO A 199 -5.19 20.10 -5.10
C PRO A 199 -5.49 20.06 -6.60
N ILE A 200 -4.66 20.70 -7.43
CA ILE A 200 -4.87 20.70 -8.89
C ILE A 200 -4.63 19.29 -9.46
N LEU A 201 -3.58 18.62 -9.00
CA LEU A 201 -3.34 17.22 -9.39
C LEU A 201 -4.50 16.33 -9.00
N ILE A 202 -4.98 16.49 -7.77
CA ILE A 202 -6.08 15.66 -7.28
C ILE A 202 -7.36 15.93 -8.11
N LYS A 203 -7.68 17.19 -8.34
CA LYS A 203 -8.86 17.54 -9.15
C LYS A 203 -8.77 16.96 -10.55
N GLU A 204 -7.59 17.02 -11.17
CA GLU A 204 -7.44 16.47 -12.54
C GLU A 204 -7.51 14.95 -12.57
N ALA A 205 -6.90 14.28 -11.59
CA ALA A 205 -7.03 12.83 -11.50
C ALA A 205 -8.51 12.48 -11.30
N THR A 206 -9.20 13.22 -10.43
CA THR A 206 -10.64 12.97 -10.17
C THR A 206 -11.45 13.10 -11.46
N ARG A 207 -11.17 14.16 -12.21
CA ARG A 207 -11.84 14.37 -13.52
C ARG A 207 -11.66 13.18 -14.45
N ARG A 208 -10.41 12.74 -14.60
CA ARG A 208 -10.09 11.65 -15.56
C ARG A 208 -10.73 10.34 -15.13
N VAL A 209 -10.74 10.07 -13.82
CA VAL A 209 -11.38 8.86 -13.31
C VAL A 209 -12.90 8.96 -13.50
N ASN A 210 -13.49 10.10 -13.15
CA ASN A 210 -14.94 10.32 -13.36
C ASN A 210 -15.35 10.18 -14.83
N ARG A 211 -14.47 10.61 -15.75
CA ARG A 211 -14.77 10.50 -17.18
C ARG A 211 -14.78 9.02 -17.64
N THR A 212 -14.22 8.14 -16.81
CA THR A 212 -14.34 6.71 -17.09
C THR A 212 -15.45 6.03 -16.26
N ASN A 213 -16.37 6.82 -15.69
CA ASN A 213 -17.55 6.34 -14.93
C ASN A 213 -17.17 5.64 -13.63
N VAL A 214 -16.12 6.16 -13.00
CA VAL A 214 -15.67 5.66 -11.69
C VAL A 214 -15.71 6.83 -10.73
N TRP A 215 -16.26 6.59 -9.54
CA TRP A 215 -16.74 7.64 -8.65
C TRP A 215 -16.20 7.54 -7.23
N GLN A 216 -15.53 6.42 -6.92
CA GLN A 216 -14.83 6.26 -5.64
C GLN A 216 -13.36 6.00 -5.86
N ALA A 217 -12.58 6.37 -4.84
CA ALA A 217 -11.19 5.98 -4.77
C ALA A 217 -10.85 5.51 -3.39
N VAL A 218 -9.78 4.73 -3.32
CA VAL A 218 -9.14 4.39 -2.05
C VAL A 218 -7.70 4.85 -2.12
N TYR A 219 -7.19 5.29 -0.97
CA TYR A 219 -5.81 5.78 -0.88
C TYR A 219 -5.36 5.69 0.55
N THR A 220 -4.04 5.69 0.74
CA THR A 220 -3.46 5.68 2.09
C THR A 220 -2.47 6.81 2.22
N ALA A 221 -2.24 7.24 3.46
CA ALA A 221 -1.20 8.24 3.73
C ALA A 221 -0.73 8.06 5.15
N GLY A 222 0.51 8.49 5.40
CA GLY A 222 1.00 8.60 6.78
C GLY A 222 0.35 9.76 7.52
N VAL A 223 0.09 10.84 6.82
CA VAL A 223 -0.46 12.05 7.41
C VAL A 223 -1.95 11.88 7.66
N LEU A 224 -2.46 12.67 8.61
CA LEU A 224 -3.87 12.71 8.98
C LEU A 224 -4.59 13.75 8.13
N LEU A 225 -5.55 13.25 7.34
CA LEU A 225 -6.39 14.06 6.46
C LEU A 225 -7.84 13.76 6.80
N PRO A 226 -8.79 14.58 6.31
CA PRO A 226 -10.18 14.19 6.56
C PRO A 226 -10.59 13.08 5.61
N THR A 227 -11.08 11.93 6.09
CA THR A 227 -11.02 11.45 7.48
C THR A 227 -10.80 9.94 7.32
N PRO A 228 -9.84 9.36 8.06
CA PRO A 228 -9.57 7.94 7.79
C PRO A 228 -10.74 7.02 8.22
N TYR A 229 -10.96 5.92 7.47
CA TYR A 229 -11.82 4.84 8.00
C TYR A 229 -11.06 3.81 8.83
N ALA A 230 -9.74 3.78 8.72
CA ALA A 230 -8.94 2.86 9.55
C ALA A 230 -7.56 3.44 9.66
N SER A 231 -6.84 3.06 10.70
CA SER A 231 -5.45 3.47 10.87
C SER A 231 -4.72 2.36 11.63
N GLY A 232 -3.51 2.06 11.18
CA GLY A 232 -2.70 1.01 11.77
C GLY A 232 -1.27 1.47 11.98
N GLN A 233 -0.65 0.97 13.05
CA GLN A 233 0.78 1.14 13.28
C GLN A 233 1.62 0.29 12.32
N TYR A 234 2.79 0.82 11.98
CA TYR A 234 3.84 0.04 11.30
C TYR A 234 4.58 -0.81 12.31
N PHE A 235 5.05 -1.94 11.79
CA PHE A 235 5.88 -2.90 12.51
C PHE A 235 7.09 -3.26 11.66
N HIS A 236 8.20 -3.53 12.33
CA HIS A 236 9.50 -3.77 11.68
C HIS A 236 10.20 -4.95 12.32
N ARG A 237 10.75 -5.80 11.48
CA ARG A 237 11.51 -6.95 11.96
C ARG A 237 12.95 -6.80 11.46
N SER A 238 13.89 -6.61 12.39
CA SER A 238 15.29 -6.45 12.02
C SER A 238 15.88 -7.70 11.39
N LEU A 239 16.50 -7.55 10.22
CA LEU A 239 17.20 -8.68 9.58
C LEU A 239 18.71 -8.49 9.62
N ASN A 240 19.15 -7.24 9.50
CA ASN A 240 20.57 -6.89 9.54
C ASN A 240 20.71 -5.81 10.60
N PRO A 241 20.64 -6.20 11.88
CA PRO A 241 20.61 -5.18 12.93
C PRO A 241 21.82 -4.25 13.02
N GLU A 242 23.00 -4.73 12.64
CA GLU A 242 24.20 -3.89 12.76
C GLU A 242 24.04 -2.69 11.83
N LYS A 243 23.53 -2.94 10.63
CA LYS A 243 23.32 -1.86 9.67
C LYS A 243 22.19 -0.95 10.13
N LEU A 244 21.08 -1.53 10.60
CA LEU A 244 19.96 -0.71 11.07
C LEU A 244 20.35 0.25 12.20
N VAL A 245 21.23 -0.21 13.09
CA VAL A 245 21.66 0.64 14.20
C VAL A 245 22.59 1.73 13.66
N GLU A 246 23.50 1.35 12.76
CA GLU A 246 24.46 2.32 12.17
C GLU A 246 23.75 3.51 11.55
N ILE A 247 22.68 3.21 10.82
CA ILE A 247 21.92 4.25 10.11
C ILE A 247 20.81 4.91 10.93
N ARG A 248 20.72 4.53 12.20
CA ARG A 248 19.72 5.12 13.12
C ARG A 248 18.28 4.83 12.73
N PHE A 249 18.09 3.72 12.02
CA PHE A 249 16.76 3.19 11.82
C PHE A 249 16.32 2.58 13.14
N SER A 250 17.23 1.85 13.77
CA SER A 250 16.98 1.15 15.03
C SER A 250 17.83 1.70 16.14
N GLY A 251 17.30 1.65 17.35
CA GLY A 251 18.07 1.91 18.56
C GLY A 251 18.35 0.62 19.28
N ILE A 252 18.95 0.73 20.46
CA ILE A 252 19.24 -0.43 21.29
C ILE A 252 18.47 -0.24 22.59
N PRO A 253 17.56 -1.18 22.92
CA PRO A 253 16.94 -1.11 24.24
C PRO A 253 17.99 -0.87 25.34
N ALA A 254 17.65 0.04 26.24
CA ALA A 254 18.51 0.38 27.36
C ALA A 254 18.97 -0.86 28.10
N GLN A 255 18.12 -1.89 28.10
CA GLN A 255 18.41 -3.15 28.80
C GLN A 255 19.65 -3.88 28.26
N TYR A 256 20.00 -3.65 27.00
CA TYR A 256 21.18 -4.30 26.41
C TYR A 256 22.47 -3.78 27.04
N GLN A 257 22.39 -2.65 27.75
CA GLN A 257 23.55 -2.09 28.43
C GLN A 257 24.00 -2.90 29.65
N LYS A 258 23.18 -3.89 30.03
CA LYS A 258 23.55 -4.85 31.06
C LYS A 258 24.54 -5.90 30.54
N PHE A 259 24.65 -6.01 29.22
CA PHE A 259 25.60 -6.93 28.59
C PHE A 259 26.94 -6.24 28.39
N GLN A 260 28.00 -7.05 28.42
CA GLN A 260 29.35 -6.57 28.17
C GLN A 260 29.44 -6.08 26.72
N ASN A 261 28.71 -6.76 25.84
CA ASN A 261 28.71 -6.43 24.42
C ASN A 261 27.28 -6.33 23.87
N PRO A 262 26.70 -5.12 23.93
CA PRO A 262 25.34 -4.94 23.44
C PRO A 262 25.10 -5.44 22.00
N MET A 263 26.02 -5.16 21.07
CA MET A 263 25.79 -5.49 19.66
C MET A 263 25.82 -6.98 19.30
N ALA A 264 26.74 -7.71 19.92
CA ALA A 264 26.84 -9.15 19.66
C ALA A 264 25.55 -9.85 20.08
N MET A 265 25.00 -9.41 21.21
CA MET A 265 23.72 -9.88 21.72
C MET A 265 22.58 -9.53 20.77
N LEU A 266 22.63 -8.33 20.21
CA LEU A 266 21.59 -7.87 19.27
C LEU A 266 21.53 -8.75 18.01
N LYS A 267 22.69 -9.05 17.43
CA LYS A 267 22.81 -9.96 16.30
C LYS A 267 22.28 -11.37 16.60
N ARG A 268 22.64 -11.88 17.77
CA ARG A 268 22.15 -13.16 18.24
C ARG A 268 20.64 -13.16 18.37
N ASN A 269 20.09 -12.08 18.92
CA ASN A 269 18.65 -11.95 19.05
C ASN A 269 17.90 -12.12 17.73
N TYR A 270 18.44 -11.53 16.66
CA TYR A 270 17.72 -11.46 15.41
C TYR A 270 18.13 -12.50 14.38
N GLN A 271 19.01 -13.41 14.80
CA GLN A 271 19.52 -14.43 13.90
C GLN A 271 18.40 -15.31 13.35
N LEU A 272 18.55 -15.72 12.10
CA LEU A 272 17.55 -16.51 11.40
C LEU A 272 18.18 -17.72 10.76
N PRO A 273 17.40 -18.80 10.58
CA PRO A 273 17.93 -19.93 9.84
C PRO A 273 18.38 -19.53 8.43
N SER A 274 19.37 -20.26 7.91
CA SER A 274 19.89 -20.06 6.57
C SER A 274 18.92 -20.52 5.47
N ALA A 275 18.06 -21.47 5.80
CA ALA A 275 17.15 -22.05 4.84
C ALA A 275 15.76 -22.19 5.42
N PRO A 276 14.73 -22.15 4.57
CA PRO A 276 13.32 -22.28 4.98
C PRO A 276 13.06 -23.55 5.76
N LYS A 277 12.09 -23.50 6.66
CA LYS A 277 11.78 -24.68 7.50
C LYS A 277 10.62 -25.51 6.99
N ASN A 278 9.70 -24.90 6.24
CA ASN A 278 8.56 -25.66 5.74
C ASN A 278 8.97 -26.50 4.53
N SER A 279 8.90 -27.82 4.69
CA SER A 279 9.16 -28.71 3.58
C SER A 279 8.17 -28.43 2.45
N GLY A 280 8.67 -28.42 1.24
CA GLY A 280 7.80 -28.12 0.11
C GLY A 280 7.43 -26.66 -0.07
N LEU A 281 8.13 -25.76 0.63
CA LEU A 281 8.10 -24.36 0.21
C LEU A 281 8.91 -24.25 -1.08
N ARG A 282 8.38 -23.53 -2.08
CA ARG A 282 9.09 -23.22 -3.32
C ARG A 282 8.56 -21.90 -3.86
N GLU A 283 9.26 -21.33 -4.84
CA GLU A 283 8.73 -20.13 -5.51
C GLU A 283 7.42 -20.46 -6.25
N MET A 284 6.52 -19.50 -6.25
CA MET A 284 5.30 -19.61 -7.04
C MET A 284 5.63 -19.67 -8.53
N LYS A 285 4.85 -20.47 -9.26
CA LYS A 285 4.97 -20.55 -10.74
C LYS A 285 3.61 -20.28 -11.36
N PRO A 286 3.57 -20.04 -12.69
CA PRO A 286 2.27 -19.69 -13.32
C PRO A 286 1.13 -20.69 -13.08
N SER A 287 1.44 -21.99 -13.08
CA SER A 287 0.37 -22.98 -12.88
C SER A 287 -0.29 -22.92 -11.48
N ASP A 288 0.36 -22.23 -10.53
CA ASP A 288 -0.19 -22.06 -9.16
C ASP A 288 -1.31 -21.05 -9.11
N VAL A 289 -1.47 -20.26 -10.17
CA VAL A 289 -2.36 -19.09 -10.10
C VAL A 289 -3.78 -19.40 -9.61
N PRO A 290 -4.48 -20.36 -10.22
CA PRO A 290 -5.85 -20.59 -9.77
C PRO A 290 -5.95 -21.05 -8.30
N GLN A 291 -5.03 -21.89 -7.84
CA GLN A 291 -5.06 -22.33 -6.45
C GLN A 291 -4.74 -21.19 -5.48
N VAL A 292 -3.74 -20.36 -5.82
CA VAL A 292 -3.44 -19.20 -5.01
C VAL A 292 -4.62 -18.23 -4.96
N ARG A 293 -5.27 -18.03 -6.10
CA ARG A 293 -6.45 -17.17 -6.15
C ARG A 293 -7.52 -17.69 -5.17
N ARG A 294 -7.77 -18.98 -5.22
CA ARG A 294 -8.83 -19.57 -4.39
C ARG A 294 -8.50 -19.42 -2.89
N ILE A 295 -7.28 -19.78 -2.48
CA ILE A 295 -6.98 -19.70 -1.06
C ILE A 295 -6.87 -18.26 -0.59
N LEU A 296 -6.36 -17.38 -1.44
CA LEU A 296 -6.33 -15.98 -1.03
C LEU A 296 -7.72 -15.39 -0.92
N MET A 297 -8.55 -15.62 -1.93
CA MET A 297 -9.89 -15.04 -1.92
C MET A 297 -10.72 -15.60 -0.75
N ASN A 298 -10.59 -16.90 -0.46
CA ASN A 298 -11.30 -17.45 0.69
C ASN A 298 -10.92 -16.73 1.97
N TYR A 299 -9.63 -16.41 2.10
CA TYR A 299 -9.14 -15.77 3.31
C TYR A 299 -9.57 -14.31 3.37
N LEU A 300 -9.40 -13.59 2.27
CA LEU A 300 -9.66 -12.15 2.29
C LEU A 300 -11.15 -11.84 2.47
N ASP A 301 -12.01 -12.78 2.05
CA ASP A 301 -13.44 -12.54 2.14
C ASP A 301 -13.90 -12.37 3.62
N SER A 302 -13.10 -12.83 4.59
CA SER A 302 -13.43 -12.64 6.02
C SER A 302 -13.23 -11.21 6.59
N PHE A 303 -12.59 -10.33 5.82
CA PHE A 303 -12.30 -8.97 6.26
C PHE A 303 -13.34 -8.04 5.68
N ASP A 304 -13.63 -6.95 6.37
CA ASP A 304 -14.68 -6.02 5.93
C ASP A 304 -14.33 -5.29 4.62
N VAL A 305 -13.08 -4.85 4.50
CA VAL A 305 -12.62 -4.18 3.28
C VAL A 305 -11.52 -4.99 2.65
N GLY A 306 -11.70 -5.37 1.38
CA GLY A 306 -10.65 -6.16 0.75
C GLY A 306 -10.82 -6.24 -0.75
N PRO A 307 -9.72 -6.52 -1.46
CA PRO A 307 -9.76 -6.60 -2.91
C PRO A 307 -10.30 -7.94 -3.42
N VAL A 308 -10.81 -7.92 -4.64
CA VAL A 308 -11.21 -9.14 -5.34
C VAL A 308 -10.31 -9.24 -6.56
N PHE A 309 -9.61 -10.36 -6.71
CA PHE A 309 -8.62 -10.50 -7.79
C PHE A 309 -9.01 -11.61 -8.74
N SER A 310 -8.91 -11.32 -10.04
CA SER A 310 -9.04 -12.34 -11.11
C SER A 310 -7.74 -13.16 -11.19
N ASP A 311 -7.76 -14.22 -11.98
CA ASP A 311 -6.51 -14.94 -12.28
C ASP A 311 -5.45 -13.98 -12.84
N ALA A 312 -5.82 -13.10 -13.77
CA ALA A 312 -4.85 -12.16 -14.34
C ALA A 312 -4.24 -11.25 -13.28
N GLU A 313 -5.05 -10.81 -12.32
CA GLU A 313 -4.55 -9.95 -11.26
C GLU A 313 -3.70 -10.73 -10.24
N ILE A 314 -4.06 -11.97 -9.94
CA ILE A 314 -3.19 -12.81 -9.12
C ILE A 314 -1.85 -13.01 -9.82
N SER A 315 -1.85 -13.33 -11.11
CA SER A 315 -0.62 -13.48 -11.87
C SER A 315 0.21 -12.22 -11.81
N HIS A 316 -0.43 -11.06 -12.02
CA HIS A 316 0.31 -9.82 -12.02
C HIS A 316 0.88 -9.46 -10.66
N TYR A 317 0.05 -9.51 -9.62
CA TYR A 317 0.48 -9.03 -8.33
C TYR A 317 1.36 -10.01 -7.57
N LEU A 318 1.34 -11.30 -7.94
CA LEU A 318 2.01 -12.30 -7.11
C LEU A 318 3.09 -13.12 -7.80
N LEU A 319 3.07 -13.28 -9.12
CA LEU A 319 4.17 -14.05 -9.73
C LEU A 319 5.51 -13.36 -9.49
N PRO A 320 6.55 -14.13 -9.12
CA PRO A 320 7.85 -13.50 -8.84
C PRO A 320 8.38 -12.59 -9.96
N ARG A 321 8.90 -11.43 -9.56
CA ARG A 321 9.58 -10.50 -10.47
C ARG A 321 10.85 -10.06 -9.81
N ASP A 322 11.98 -10.30 -10.46
CA ASP A 322 13.27 -10.04 -9.83
C ASP A 322 13.37 -8.61 -9.34
N GLY A 323 13.81 -8.51 -8.09
CA GLY A 323 13.98 -7.25 -7.39
C GLY A 323 12.69 -6.52 -7.01
N VAL A 324 11.53 -7.11 -7.28
CA VAL A 324 10.26 -6.40 -7.08
C VAL A 324 9.33 -7.14 -6.14
N VAL A 325 8.89 -8.33 -6.56
CA VAL A 325 7.98 -9.10 -5.73
C VAL A 325 8.45 -10.55 -5.70
N PHE A 326 8.30 -11.15 -4.54
CA PHE A 326 8.83 -12.47 -4.18
C PHE A 326 7.70 -13.26 -3.57
N THR A 327 7.37 -14.42 -4.14
CA THR A 327 6.22 -15.20 -3.66
C THR A 327 6.55 -16.66 -3.62
N TYR A 328 6.20 -17.29 -2.50
CA TYR A 328 6.51 -18.68 -2.23
C TYR A 328 5.23 -19.39 -1.82
N VAL A 329 5.09 -20.64 -2.27
CA VAL A 329 3.95 -21.45 -1.93
C VAL A 329 4.43 -22.64 -1.12
N VAL A 330 3.55 -23.14 -0.27
CA VAL A 330 3.73 -24.46 0.37
C VAL A 330 2.88 -25.43 -0.44
N GLU A 331 3.53 -26.40 -1.03
CA GLU A 331 2.83 -27.42 -1.80
C GLU A 331 2.86 -28.76 -1.06
N ASN A 332 1.68 -29.31 -0.78
CA ASN A 332 1.51 -30.61 -0.12
C ASN A 332 0.60 -31.47 -0.97
N ASP A 333 1.06 -32.67 -1.32
CA ASP A 333 0.28 -33.61 -2.12
C ASP A 333 -0.12 -32.94 -3.45
N LYS A 334 0.82 -32.23 -4.04
CA LYS A 334 0.62 -31.52 -5.30
C LYS A 334 -0.49 -30.46 -5.23
N LYS A 335 -0.78 -30.00 -4.01
CA LYS A 335 -1.76 -28.95 -3.80
C LYS A 335 -1.15 -27.77 -3.08
N VAL A 336 -1.45 -26.57 -3.56
CA VAL A 336 -0.99 -25.37 -2.85
C VAL A 336 -1.91 -25.14 -1.64
N THR A 337 -1.34 -25.22 -0.44
CA THR A 337 -2.11 -25.08 0.79
C THR A 337 -1.81 -23.79 1.55
N ASP A 338 -0.69 -23.14 1.22
CA ASP A 338 -0.28 -21.90 1.91
C ASP A 338 0.58 -21.11 0.94
N PHE A 339 0.67 -19.79 1.13
CA PHE A 339 1.64 -18.99 0.38
C PHE A 339 1.89 -17.71 1.13
N PHE A 340 3.01 -17.08 0.80
CA PHE A 340 3.27 -15.71 1.25
C PHE A 340 3.97 -14.95 0.16
N SER A 341 3.88 -13.63 0.25
CA SER A 341 4.53 -12.78 -0.73
C SER A 341 5.11 -11.60 0.03
N PHE A 342 6.20 -11.05 -0.53
CA PHE A 342 6.73 -9.76 -0.05
C PHE A 342 7.25 -8.96 -1.23
N TYR A 343 7.23 -7.63 -1.09
CA TYR A 343 7.77 -6.76 -2.14
C TYR A 343 8.91 -5.88 -1.62
N ARG A 344 9.75 -5.42 -2.54
CA ARG A 344 10.94 -4.65 -2.20
C ARG A 344 10.73 -3.16 -2.48
N ILE A 345 10.97 -2.33 -1.44
CA ILE A 345 11.16 -0.89 -1.66
C ILE A 345 12.41 -0.48 -0.91
N PRO A 346 13.49 -0.20 -1.64
CA PRO A 346 14.64 0.37 -0.92
C PRO A 346 14.39 1.84 -0.63
N SER A 347 15.09 2.36 0.37
CA SER A 347 15.06 3.79 0.65
C SER A 347 16.47 4.33 0.62
N THR A 348 16.61 5.55 0.09
CA THR A 348 17.86 6.28 0.14
C THR A 348 18.17 6.61 1.59
N VAL A 349 19.41 6.35 2.02
CA VAL A 349 19.87 6.73 3.35
C VAL A 349 20.51 8.11 3.21
N ILE A 350 19.72 9.12 3.53
CA ILE A 350 20.04 10.54 3.23
C ILE A 350 21.28 11.09 3.90
N GLY A 351 21.48 10.75 5.16
CA GLY A 351 22.49 11.44 5.96
C GLY A 351 23.74 10.65 6.30
N ASN A 352 23.73 9.35 6.06
CA ASN A 352 24.85 8.47 6.39
C ASN A 352 25.61 8.14 5.11
N SER A 353 26.88 8.56 5.04
CA SER A 353 27.71 8.32 3.84
C SER A 353 28.19 6.88 3.65
N ASN A 354 28.06 6.05 4.68
CA ASN A 354 28.56 4.65 4.64
C ASN A 354 27.64 3.69 3.87
N TYR A 355 26.35 4.04 3.79
CA TYR A 355 25.39 3.21 3.08
C TYR A 355 24.55 4.06 2.15
N ASN A 356 24.33 3.58 0.93
CA ASN A 356 23.46 4.29 -0.02
C ASN A 356 21.99 3.97 0.24
N LEU A 357 21.69 2.71 0.51
CA LEU A 357 20.31 2.24 0.57
C LEU A 357 20.01 1.41 1.78
N LEU A 358 18.76 1.51 2.19
CA LEU A 358 18.15 0.59 3.14
C LEU A 358 17.28 -0.37 2.32
N ASN A 359 17.55 -1.68 2.41
CA ASN A 359 16.85 -2.63 1.56
C ASN A 359 15.69 -3.25 2.34
N ALA A 360 14.46 -2.77 2.12
CA ALA A 360 13.32 -3.25 2.94
C ALA A 360 12.41 -4.18 2.16
N ALA A 361 11.99 -5.24 2.84
CA ALA A 361 10.97 -6.17 2.37
C ALA A 361 9.67 -5.86 3.10
N TYR A 362 8.57 -5.74 2.35
CA TYR A 362 7.25 -5.46 2.90
C TYR A 362 6.36 -6.68 2.79
N VAL A 363 5.71 -7.05 3.89
CA VAL A 363 4.76 -8.17 3.85
C VAL A 363 3.61 -7.79 2.92
N HIS A 364 3.32 -8.68 1.96
CA HIS A 364 2.30 -8.45 0.93
C HIS A 364 1.11 -9.36 1.29
N TYR A 365 0.51 -10.02 0.33
CA TYR A 365 -0.58 -10.97 0.62
C TYR A 365 -0.04 -12.33 1.05
N TYR A 366 -0.89 -13.08 1.77
CA TYR A 366 -0.54 -14.44 2.20
C TYR A 366 -1.83 -15.19 2.53
N ALA A 367 -1.72 -16.51 2.70
CA ALA A 367 -2.82 -17.33 3.23
C ALA A 367 -2.21 -18.58 3.79
N ALA A 368 -2.67 -18.94 4.99
CA ALA A 368 -2.27 -20.18 5.65
C ALA A 368 -3.48 -21.06 5.89
N THR A 369 -3.39 -22.31 5.44
CA THR A 369 -4.42 -23.30 5.78
C THR A 369 -3.85 -24.53 6.46
N SER A 370 -2.54 -24.78 6.36
CA SER A 370 -1.95 -26.03 6.90
C SER A 370 -1.09 -25.85 8.12
N ILE A 371 -0.66 -24.62 8.36
CA ILE A 371 0.28 -24.30 9.44
C ILE A 371 -0.08 -23.00 10.09
N PRO A 372 0.41 -22.77 11.34
CA PRO A 372 0.15 -21.49 11.96
C PRO A 372 0.82 -20.36 11.17
N LEU A 373 0.18 -19.22 11.19
CA LEU A 373 0.70 -18.09 10.42
C LEU A 373 2.14 -17.73 10.81
N HIS A 374 2.47 -17.77 12.11
CA HIS A 374 3.83 -17.45 12.49
C HIS A 374 4.86 -18.40 11.86
N GLN A 375 4.47 -19.67 11.65
CA GLN A 375 5.35 -20.63 11.00
C GLN A 375 5.54 -20.34 9.50
N LEU A 376 4.46 -19.90 8.84
CA LEU A 376 4.54 -19.49 7.45
C LEU A 376 5.43 -18.26 7.30
N ILE A 377 5.19 -17.26 8.16
CA ILE A 377 5.88 -15.98 8.01
C ILE A 377 7.34 -16.03 8.47
N LEU A 378 7.68 -16.99 9.35
CA LEU A 378 9.09 -17.22 9.65
C LEU A 378 9.89 -17.48 8.36
N ASP A 379 9.30 -18.26 7.46
CA ASP A 379 9.99 -18.58 6.20
C ASP A 379 10.13 -17.35 5.31
N LEU A 380 9.15 -16.45 5.40
CA LEU A 380 9.27 -15.13 4.75
C LEU A 380 10.52 -14.37 5.26
N LEU A 381 10.68 -14.31 6.59
CA LEU A 381 11.84 -13.64 7.17
C LEU A 381 13.13 -14.34 6.75
N ILE A 382 13.11 -15.68 6.76
CA ILE A 382 14.28 -16.44 6.33
C ILE A 382 14.66 -16.12 4.89
N VAL A 383 13.68 -16.18 4.00
CA VAL A 383 13.97 -15.88 2.59
C VAL A 383 14.44 -14.44 2.39
N ALA A 384 13.77 -13.48 3.04
CA ALA A 384 14.18 -12.09 2.89
C ALA A 384 15.60 -11.88 3.41
N HIS A 385 15.92 -12.47 4.56
CA HIS A 385 17.27 -12.34 5.08
C HIS A 385 18.29 -12.95 4.13
N SER A 386 17.98 -14.14 3.61
CA SER A 386 18.89 -14.84 2.72
C SER A 386 19.18 -14.04 1.45
N ARG A 387 18.20 -13.26 1.02
CA ARG A 387 18.29 -12.45 -0.19
C ARG A 387 18.92 -11.08 0.05
N GLY A 388 19.37 -10.79 1.27
CA GLY A 388 20.10 -9.55 1.53
C GLY A 388 19.26 -8.36 1.97
N PHE A 389 18.02 -8.62 2.38
CA PHE A 389 17.16 -7.56 2.92
C PHE A 389 17.57 -7.20 4.34
N ASP A 390 17.42 -5.91 4.67
CA ASP A 390 17.86 -5.38 5.97
C ASP A 390 16.78 -5.40 7.03
N VAL A 391 15.51 -5.35 6.61
CA VAL A 391 14.38 -5.21 7.54
C VAL A 391 13.15 -5.69 6.80
N CYS A 392 12.21 -6.22 7.56
CA CYS A 392 10.89 -6.55 7.05
C CYS A 392 9.85 -5.62 7.70
N ASN A 393 9.10 -4.92 6.85
CA ASN A 393 8.09 -3.96 7.30
C ASN A 393 6.67 -4.43 7.02
N MET A 394 5.73 -3.97 7.83
CA MET A 394 4.30 -4.20 7.55
C MET A 394 3.45 -3.25 8.39
N VAL A 395 2.17 -3.11 8.02
CA VAL A 395 1.18 -2.41 8.84
C VAL A 395 0.31 -3.49 9.47
N GLU A 396 -0.27 -3.21 10.63
CA GLU A 396 -1.08 -4.20 11.35
C GLU A 396 -2.45 -4.48 10.73
N ILE A 397 -2.50 -4.55 9.41
CA ILE A 397 -3.70 -5.02 8.69
C ILE A 397 -3.73 -6.55 8.64
N LEU A 398 -4.74 -7.11 7.97
CA LEU A 398 -4.86 -8.58 7.84
C LEU A 398 -4.75 -9.23 9.23
N ASP A 399 -4.04 -10.35 9.35
CA ASP A 399 -3.75 -10.96 10.67
C ASP A 399 -2.29 -10.74 11.04
N ASN A 400 -1.74 -9.60 10.58
CA ASN A 400 -0.34 -9.32 10.88
C ASN A 400 -0.02 -9.26 12.34
N ARG A 401 -0.98 -8.84 13.16
CA ARG A 401 -0.72 -8.84 14.62
C ARG A 401 -0.48 -10.23 15.21
N SER A 402 -0.96 -11.26 14.52
CA SER A 402 -0.90 -12.61 15.09
C SER A 402 0.51 -13.23 15.07
N PHE A 403 1.49 -12.57 14.44
CA PHE A 403 2.86 -13.08 14.47
C PHE A 403 3.90 -12.03 14.91
N VAL A 404 3.43 -10.87 15.34
CA VAL A 404 4.34 -9.80 15.81
C VAL A 404 5.30 -10.28 16.92
N GLU A 405 4.74 -10.85 17.99
CA GLU A 405 5.58 -11.17 19.12
C GLU A 405 6.46 -12.39 18.84
N GLN A 406 5.88 -13.43 18.24
CA GLN A 406 6.65 -14.65 18.05
C GLN A 406 7.85 -14.40 17.11
N LEU A 407 7.66 -13.51 16.16
CA LEU A 407 8.67 -13.30 15.15
C LEU A 407 9.50 -12.04 15.39
N LYS A 408 9.37 -11.47 16.58
CA LYS A 408 10.23 -10.34 17.01
C LYS A 408 10.09 -9.09 16.12
N PHE A 409 8.87 -8.81 15.67
CA PHE A 409 8.58 -7.48 15.12
C PHE A 409 8.44 -6.48 16.26
N GLY A 410 8.89 -5.25 16.04
CA GLY A 410 8.67 -4.17 17.00
C GLY A 410 7.82 -3.10 16.36
N ALA A 411 6.95 -2.45 17.13
CA ALA A 411 6.19 -1.32 16.63
C ALA A 411 7.11 -0.16 16.26
N GLY A 412 6.76 0.52 15.17
CA GLY A 412 7.50 1.70 14.72
C GLY A 412 6.82 3.00 15.08
N ASP A 413 7.44 4.10 14.65
CA ASP A 413 6.93 5.45 14.82
C ASP A 413 5.78 5.76 13.91
N GLY A 414 5.72 5.04 12.81
CA GLY A 414 4.81 5.42 11.73
C GLY A 414 3.45 4.76 11.85
N HIS A 415 2.46 5.38 11.19
CA HIS A 415 1.14 4.82 11.02
C HIS A 415 0.77 4.96 9.57
N LEU A 416 -0.13 4.09 9.14
CA LEU A 416 -0.72 4.22 7.82
C LEU A 416 -2.23 4.39 7.99
N ARG A 417 -2.78 5.46 7.43
CA ARG A 417 -4.22 5.78 7.50
C ARG A 417 -4.85 5.43 6.16
N TYR A 418 -6.01 4.78 6.22
CA TYR A 418 -6.78 4.36 5.05
C TYR A 418 -7.96 5.27 4.84
N TYR A 419 -8.15 5.68 3.58
CA TYR A 419 -9.16 6.67 3.19
C TYR A 419 -9.94 6.22 1.99
N PHE A 420 -11.20 6.67 1.93
CA PHE A 420 -11.98 6.63 0.70
C PHE A 420 -12.29 8.06 0.25
N TYR A 421 -12.37 8.21 -1.07
CA TYR A 421 -12.92 9.42 -1.69
C TYR A 421 -14.33 9.06 -2.13
N ASN A 422 -15.27 9.92 -1.74
CA ASN A 422 -16.67 9.78 -2.12
C ASN A 422 -17.33 8.48 -1.65
N TRP A 423 -17.04 8.12 -0.39
CA TRP A 423 -17.62 6.92 0.21
C TRP A 423 -17.68 7.08 1.70
N ALA A 424 -18.89 7.17 2.21
CA ALA A 424 -19.13 7.12 3.65
C ALA A 424 -18.86 5.71 4.11
N TYR A 425 -18.10 5.58 5.20
CA TYR A 425 -17.76 4.27 5.71
C TYR A 425 -17.55 4.35 7.23
N PRO A 426 -18.18 3.45 8.01
CA PRO A 426 -17.97 3.45 9.47
C PRO A 426 -16.52 3.14 9.83
N LYS A 427 -16.05 3.65 10.97
CA LYS A 427 -14.69 3.33 11.43
C LYS A 427 -14.55 1.83 11.61
N ILE A 428 -13.41 1.30 11.19
CA ILE A 428 -13.09 -0.10 11.43
C ILE A 428 -11.69 -0.26 11.95
N LYS A 429 -11.46 -1.36 12.66
CA LYS A 429 -10.12 -1.75 13.14
C LYS A 429 -9.23 -2.06 11.94
N PRO A 430 -7.93 -1.82 12.05
CA PRO A 430 -7.08 -2.15 10.89
C PRO A 430 -7.01 -3.68 10.60
N SER A 431 -7.32 -4.51 11.60
CA SER A 431 -7.40 -5.97 11.41
C SER A 431 -8.68 -6.39 10.66
N GLN A 432 -9.49 -5.41 10.27
CA GLN A 432 -10.61 -5.65 9.33
C GLN A 432 -10.31 -5.15 7.92
N VAL A 433 -9.07 -4.74 7.68
CA VAL A 433 -8.63 -4.27 6.36
C VAL A 433 -7.73 -5.32 5.70
N ALA A 434 -8.06 -5.66 4.46
CA ALA A 434 -7.30 -6.69 3.73
C ALA A 434 -6.68 -6.14 2.46
N LEU A 435 -6.67 -4.82 2.28
CA LEU A 435 -6.05 -4.22 1.09
C LEU A 435 -4.63 -3.77 1.44
N VAL A 436 -3.63 -4.38 0.79
CA VAL A 436 -2.25 -3.95 0.94
C VAL A 436 -2.01 -2.82 -0.05
N MET A 437 -1.38 -1.75 0.41
CA MET A 437 -1.07 -0.63 -0.49
C MET A 437 0.43 -0.50 -0.62
N LEU A 438 0.85 -0.44 -1.88
CA LEU A 438 2.27 -0.38 -2.24
C LEU A 438 2.92 0.94 -1.87
C10 9X3 B . 3.52 5.30 2.02
C01 9X3 B . 3.11 6.58 1.59
N01 9X3 B . 2.39 3.64 0.51
C02 9X3 B . 3.83 5.08 3.37
C03 9X3 B . 7.40 7.46 6.25
C04 9X3 B . 2.96 7.64 2.50
C05 9X3 B . 6.31 6.54 5.65
N 9X3 B . 5.00 6.83 6.27
C06 9X3 B . 3.68 6.15 4.27
C07 9X3 B . 6.16 7.60 8.27
C08 9X3 B . 1.68 2.82 1.54
O 9X3 B . 7.45 7.25 7.70
C11 9X3 B . 3.26 7.42 3.84
C 9X3 B . 5.08 6.64 7.74
CAK 9X3 B . 4.00 5.88 5.75
CAJ 9X3 B . 3.70 4.11 1.04
S1 MYA C . 0.37 9.54 0.05
C2 MYA C . 2.00 10.10 -0.37
C3 MYA C . 1.97 11.63 -0.55
N4 MYA C . 3.28 12.06 -1.05
C5 MYA C . 4.28 12.52 -0.29
O5 MYA C . 4.17 12.61 0.95
C6 MYA C . 5.55 12.89 -1.02
C7 MYA C . 6.26 14.10 -0.39
N8 MYA C . 5.36 15.26 -0.37
C9 MYA C . 4.87 15.91 -1.44
O9 MYA C . 5.19 15.54 -2.59
C10 MYA C . 3.95 17.06 -1.18
O10 MYA C . 4.16 17.57 0.14
C11 MYA C . 2.45 16.74 -1.37
C12 MYA C . 1.54 17.91 -0.99
C13 MYA C . 2.03 15.52 -0.53
C14 MYA C . 2.22 16.39 -2.84
N1A MYA C . -2.78 13.47 0.36
O1A MYA C . 0.10 23.45 -1.29
P1A MYA C . 0.05 21.97 -1.70
C1X MYA C . -3.17 18.52 1.12
C2A MYA C . -3.81 14.31 0.10
O2A MYA C . 0.39 21.62 -3.11
P2A MYA C . 2.39 20.43 -1.03
C2M MYA C . -0.43 9.36 -1.45
O2M MYA C . 0.23 9.29 -2.50
C2X MYA C . -3.13 19.48 2.31
O2X MYA C . -3.95 19.03 3.37
N3A MYA C . -3.75 15.63 0.37
O3A MYA C . 1.05 21.17 -0.71
C3M MYA C . -1.92 9.25 -1.47
C3X MYA C . -3.63 20.75 1.63
O3X MYA C . -5.04 20.74 1.51
P3X MYA C . -5.94 21.62 2.50
C4A MYA C . -2.62 16.10 0.95
O4A MYA C . 2.97 20.08 0.32
C4M MYA C . -2.45 10.55 -2.10
C4X MYA C . -3.06 20.65 0.24
O4X MYA C . -2.67 19.28 0.03
C5A MYA C . -1.55 15.28 1.25
O5A MYA C . 3.19 21.15 -2.04
C5M MYA C . -3.96 10.63 -2.05
C5X MYA C . -1.82 21.51 0.10
O5X MYA C . -1.34 21.41 -1.22
C6A MYA C . -1.66 13.91 0.97
N6A MYA C . -0.67 13.01 1.21
O6A MYA C . 1.96 19.05 -1.76
C6M MYA C . -4.45 11.94 -2.71
N7A MYA C . -0.58 16.06 1.80
O7A MYA C . -5.60 23.14 2.28
C7M MYA C . -5.97 12.13 -2.62
C8A MYA C . -1.06 17.31 1.84
O8A MYA C . -5.56 21.11 3.96
C8M MYA C . -6.70 11.25 -3.64
N9A MYA C . -2.29 17.34 1.32
O9A MYA C . -7.46 21.31 2.24
C9M MYA C . -8.19 11.54 -3.67
CAM MYA C . -8.92 10.65 -4.71
CBM MYA C . -8.76 11.19 -6.15
CCM MYA C . -9.45 10.33 -7.23
CDM MYA C . -10.95 10.24 -7.02
CEM MYA C . -11.65 9.39 -8.11
CFM MYA C . -13.14 9.21 -7.88
#